data_3QQC
#
_entry.id   3QQC
#
_cell.length_a   168.570
_cell.length_b   107.040
_cell.length_c   51.090
_cell.angle_alpha   90.00
_cell.angle_beta   97.10
_cell.angle_gamma   90.00
#
_symmetry.space_group_name_H-M   'C 1 2 1'
#
loop_
_entity.id
_entity.type
_entity.pdbx_description
1 polymer "DNA-directed RNA polymerase subunit b, DNA-directed RNA polymerase subunit a', DNA-directed RNA polymerase subunit A''"
2 polymer 'Transcription antitermination protein nusG'
3 polymer "DNA-directed RNA polymerase, subunit e''"
4 non-polymer 'ZINC ION'
#
loop_
_entity_poly.entity_id
_entity_poly.type
_entity_poly.pdbx_seq_one_letter_code
_entity_poly.pdbx_strand_id
1 'polypeptide(L)'
;MKTEVWVCENCGHIALEDKRRRRVYCPVCGEEERISKVEMSYAFKLLLDELKAMVIRPKLNLSEGGKVIGSIEFGILSPQ
EIRKMSAVEVTVPDTYDDDGYPIEGGVMDKRMGVIDPGLRCETCGGRAGECPGHFGHIELARPVIHVGFAKTIYRILEST
CRECGRIKLTDEEIEEYMKKIELARNRRSEFNEIIKEIHKKAKERMVCPHCGAPQYPIKFEKPTIYWEIRKDEQGNEYRH
RLMPTEVRDWLEKIPDKDLPLLGLDPEKSRPEWMVLTVLPVPPVTARPSITLETGIRAEDDLTHKLVDIIRINNRLKQNI
EAGAPQLIIEDLWDLLQYHVTTYINNEAPGVPPAKHKSGRPLKTLAQRLKGKEGRFRGNLSGGAGSGAGSGSVLARAAFE
ITVQHLFEAAEKGEVDNLNGVIENVLIGQKHHHHHH
;
A
2 'polypeptide(L)'
;MAGKIFAVRVTHGQEETTAKLIYSKVRTYNLPIYAILAPSRVKGYIFVEAPNKGVVDEAIRGIRHARGVLPGEVPFKEIE
HFLEEKPAVSGLEPGDLVEVIAGPFKGQKAKVVKIDESKDEVVVQFIDAIVPIPVTIKGDYVRLISKLQKEEAAALEHHH
HHH
;
D
3 'polypeptide(L)' MSEKACRHCHYITSEDRCPVCGSRDLSEEWFDLVIIVDVENSEIAKKIGAKVPGKYAIRVR E
#
# COMPACT_ATOMS: atom_id res chain seq x y z
N LYS A 2 3.54 -27.84 -20.40
CA LYS A 2 4.16 -26.96 -21.39
C LYS A 2 3.20 -25.93 -21.96
N THR A 3 3.63 -24.65 -22.02
CA THR A 3 2.84 -23.52 -22.54
C THR A 3 3.68 -22.61 -23.43
N GLU A 4 3.07 -22.16 -24.51
CA GLU A 4 3.67 -21.21 -25.45
C GLU A 4 3.39 -19.81 -24.90
N VAL A 5 4.42 -18.96 -24.86
CA VAL A 5 4.32 -17.61 -24.30
C VAL A 5 4.77 -16.58 -25.33
N TRP A 6 3.93 -15.56 -25.61
CA TRP A 6 4.22 -14.48 -26.54
C TRP A 6 5.11 -13.40 -25.89
N VAL A 7 6.39 -13.40 -26.24
CA VAL A 7 7.33 -12.47 -25.63
C VAL A 7 7.63 -11.35 -26.60
N CYS A 8 7.65 -10.08 -26.09
CA CYS A 8 7.97 -8.91 -26.92
C CYS A 8 9.47 -8.81 -27.19
N GLU A 9 9.83 -8.61 -28.46
CA GLU A 9 11.22 -8.47 -28.87
C GLU A 9 11.73 -7.07 -28.51
N ASN A 10 10.87 -6.03 -28.54
CA ASN A 10 11.28 -4.64 -28.29
C ASN A 10 11.76 -4.37 -26.86
N CYS A 11 10.92 -4.76 -25.86
CA CYS A 11 11.08 -4.43 -24.45
C CYS A 11 11.13 -5.62 -23.45
N GLY A 12 11.21 -6.83 -23.98
CA GLY A 12 11.31 -8.05 -23.20
C GLY A 12 10.15 -8.38 -22.28
N HIS A 13 8.98 -7.80 -22.57
CA HIS A 13 7.77 -8.00 -21.79
C HIS A 13 6.91 -9.08 -22.39
N ILE A 14 6.06 -9.72 -21.56
CA ILE A 14 5.15 -10.73 -22.07
C ILE A 14 3.90 -10.12 -22.75
N ALA A 15 3.89 -10.20 -24.08
CA ALA A 15 2.81 -9.67 -24.91
C ALA A 15 1.48 -10.43 -24.76
N LEU A 16 0.38 -9.73 -25.14
CA LEU A 16 -1.01 -10.19 -25.14
C LEU A 16 -1.29 -10.85 -26.46
N GLU A 17 -2.12 -11.91 -26.44
CA GLU A 17 -2.59 -12.59 -27.66
C GLU A 17 -4.10 -12.52 -27.69
N ASP A 18 -4.68 -11.63 -28.50
CA ASP A 18 -6.13 -11.57 -28.56
C ASP A 18 -6.68 -12.72 -29.41
N LYS A 19 -7.13 -13.79 -28.73
CA LYS A 19 -7.67 -15.00 -29.35
C LYS A 19 -8.91 -14.64 -30.23
N ARG A 20 -9.72 -13.68 -29.73
CA ARG A 20 -10.96 -13.18 -30.35
C ARG A 20 -10.74 -12.34 -31.62
N ARG A 21 -9.81 -11.39 -31.55
CA ARG A 21 -9.49 -10.42 -32.61
C ARG A 21 -8.32 -10.84 -33.45
N ARG A 22 -7.65 -11.97 -33.10
CA ARG A 22 -6.43 -12.44 -33.75
C ARG A 22 -5.44 -11.27 -33.72
N ARG A 23 -5.08 -10.86 -32.51
CA ARG A 23 -4.15 -9.77 -32.34
C ARG A 23 -3.09 -10.10 -31.29
N VAL A 24 -1.82 -10.23 -31.73
CA VAL A 24 -0.71 -10.41 -30.80
C VAL A 24 0.11 -9.12 -30.73
N TYR A 25 0.24 -8.55 -29.51
CA TYR A 25 0.93 -7.28 -29.32
C TYR A 25 1.38 -7.03 -27.85
N CYS A 26 2.37 -6.13 -27.64
CA CYS A 26 2.85 -5.76 -26.31
C CYS A 26 1.99 -4.66 -25.70
N PRO A 27 1.47 -4.84 -24.47
CA PRO A 27 0.69 -3.75 -23.86
C PRO A 27 1.55 -2.59 -23.36
N VAL A 28 2.79 -2.89 -22.85
CA VAL A 28 3.79 -1.99 -22.26
C VAL A 28 4.44 -0.96 -23.21
N CYS A 29 5.11 -1.43 -24.31
CA CYS A 29 5.79 -0.60 -25.32
C CYS A 29 5.02 -0.47 -26.66
N GLY A 30 3.78 -0.95 -26.70
CA GLY A 30 2.93 -0.88 -27.88
C GLY A 30 3.45 -1.55 -29.13
N GLU A 31 4.34 -2.55 -29.01
CA GLU A 31 4.87 -3.28 -30.16
C GLU A 31 3.82 -4.26 -30.75
N GLU A 32 3.73 -4.34 -32.10
CA GLU A 32 2.76 -5.22 -32.77
C GLU A 32 3.38 -6.24 -33.76
N GLU A 33 4.64 -5.99 -34.20
CA GLU A 33 5.34 -6.85 -35.15
C GLU A 33 6.35 -7.79 -34.49
N ARG A 34 7.42 -7.24 -33.87
CA ARG A 34 8.48 -8.03 -33.24
C ARG A 34 8.02 -8.58 -31.88
N ILE A 35 7.36 -9.76 -31.94
CA ILE A 35 6.84 -10.54 -30.80
C ILE A 35 6.96 -12.03 -31.19
N SER A 36 7.64 -12.83 -30.35
CA SER A 36 7.80 -14.26 -30.63
C SER A 36 7.16 -15.17 -29.58
N LYS A 37 6.77 -16.38 -30.04
CA LYS A 37 6.16 -17.45 -29.24
C LYS A 37 7.32 -18.34 -28.65
N VAL A 38 7.47 -18.29 -27.31
CA VAL A 38 8.50 -19.04 -26.58
C VAL A 38 7.88 -20.24 -25.86
N GLU A 39 8.40 -21.45 -26.11
CA GLU A 39 7.94 -22.67 -25.45
C GLU A 39 8.51 -22.60 -24.03
N MET A 40 7.69 -22.94 -23.04
CA MET A 40 8.02 -22.76 -21.64
C MET A 40 7.21 -23.71 -20.74
N SER A 41 7.78 -24.06 -19.58
CA SER A 41 7.07 -24.88 -18.61
C SER A 41 6.08 -23.97 -17.89
N TYR A 42 4.89 -24.48 -17.47
CA TYR A 42 3.94 -23.62 -16.75
C TYR A 42 4.63 -23.17 -15.46
N ALA A 43 5.46 -24.06 -14.90
CA ALA A 43 6.33 -23.86 -13.73
C ALA A 43 7.06 -22.54 -13.76
N PHE A 44 7.69 -22.25 -14.93
CA PHE A 44 8.46 -21.06 -15.19
C PHE A 44 7.60 -19.91 -15.62
N LYS A 45 6.47 -20.13 -16.40
CA LYS A 45 5.59 -19.01 -16.73
C LYS A 45 5.08 -18.49 -15.40
N LEU A 46 4.67 -19.42 -14.51
CA LEU A 46 4.20 -19.11 -13.17
C LEU A 46 5.26 -18.38 -12.37
N LEU A 47 6.50 -18.86 -12.43
CA LEU A 47 7.61 -18.22 -11.73
C LEU A 47 7.76 -16.76 -12.15
N LEU A 48 7.82 -16.47 -13.47
CA LEU A 48 7.89 -15.12 -14.06
C LEU A 48 6.75 -14.27 -13.51
N ASP A 49 5.52 -14.82 -13.56
CA ASP A 49 4.32 -14.15 -13.07
C ASP A 49 4.32 -13.80 -11.57
N GLU A 50 4.96 -14.60 -10.69
CA GLU A 50 5.03 -14.24 -9.26
C GLU A 50 6.00 -13.09 -9.11
N LEU A 51 7.17 -13.17 -9.81
CA LEU A 51 8.23 -12.14 -9.84
C LEU A 51 7.60 -10.82 -10.18
N LYS A 52 6.75 -10.83 -11.22
CA LYS A 52 6.07 -9.63 -11.65
C LYS A 52 5.18 -9.09 -10.52
N ALA A 53 4.36 -9.98 -9.92
CA ALA A 53 3.45 -9.60 -8.83
C ALA A 53 4.21 -9.12 -7.61
N MET A 54 5.53 -9.41 -7.59
CA MET A 54 6.50 -9.08 -6.55
C MET A 54 7.21 -7.78 -6.83
N VAL A 55 6.68 -7.01 -7.81
CA VAL A 55 7.21 -5.74 -8.29
C VAL A 55 8.59 -5.88 -8.99
N ILE A 56 9.06 -7.13 -9.19
CA ILE A 56 10.31 -7.38 -9.89
C ILE A 56 10.02 -7.54 -11.36
N ARG A 57 10.89 -6.98 -12.20
CA ARG A 57 10.71 -7.01 -13.63
C ARG A 57 11.59 -8.05 -14.30
N PRO A 58 11.04 -9.22 -14.70
CA PRO A 58 11.88 -10.17 -15.42
C PRO A 58 11.96 -9.78 -16.90
N LYS A 59 13.00 -8.97 -17.27
CA LYS A 59 13.18 -8.53 -18.67
C LYS A 59 13.68 -9.70 -19.50
N LEU A 60 12.84 -10.20 -20.42
CA LEU A 60 13.24 -11.37 -21.16
C LEU A 60 14.00 -11.06 -22.43
N ASN A 61 15.21 -11.62 -22.54
CA ASN A 61 16.03 -11.41 -23.72
C ASN A 61 16.03 -12.69 -24.51
N LEU A 62 15.78 -12.61 -25.80
CA LEU A 62 15.72 -13.79 -26.66
C LEU A 62 17.00 -14.10 -27.45
N SER A 63 17.01 -15.31 -28.03
CA SER A 63 18.05 -15.88 -28.89
C SER A 63 17.37 -16.79 -29.90
N GLU A 64 17.95 -16.94 -31.11
CA GLU A 64 17.46 -17.75 -32.26
C GLU A 64 16.22 -17.24 -33.06
N LYS A 67 13.84 -17.77 -30.89
CA LYS A 67 12.58 -18.22 -30.32
C LYS A 67 12.69 -18.81 -28.91
N VAL A 68 13.84 -18.60 -28.21
CA VAL A 68 14.09 -19.00 -26.82
C VAL A 68 14.74 -17.86 -26.03
N ILE A 69 14.53 -17.85 -24.70
CA ILE A 69 15.11 -16.86 -23.79
C ILE A 69 16.62 -17.11 -23.62
N GLY A 70 17.42 -16.14 -24.06
CA GLY A 70 18.86 -16.19 -23.92
C GLY A 70 19.28 -15.86 -22.49
N SER A 71 18.56 -14.86 -21.88
CA SER A 71 18.79 -14.29 -20.54
C SER A 71 17.56 -13.53 -19.97
N ILE A 72 17.56 -13.26 -18.64
CA ILE A 72 16.53 -12.49 -17.92
C ILE A 72 17.24 -11.42 -17.14
N GLU A 73 16.98 -10.13 -17.43
CA GLU A 73 17.60 -9.05 -16.65
C GLU A 73 16.61 -8.73 -15.59
N PHE A 74 17.08 -8.67 -14.34
CA PHE A 74 16.28 -8.36 -13.15
C PHE A 74 16.23 -6.89 -12.96
N GLY A 75 15.10 -6.41 -12.48
CA GLY A 75 14.88 -4.98 -12.30
C GLY A 75 13.68 -4.70 -11.44
N ILE A 76 13.40 -3.42 -11.24
CA ILE A 76 12.27 -3.02 -10.42
C ILE A 76 11.29 -2.41 -11.40
N LEU A 77 10.08 -3.01 -11.46
CA LEU A 77 8.97 -2.58 -12.30
C LEU A 77 8.55 -1.17 -11.91
N SER A 78 8.46 -0.30 -12.95
CA SER A 78 8.07 1.11 -12.89
C SER A 78 6.54 1.20 -12.81
N PRO A 79 5.95 2.22 -12.10
CA PRO A 79 4.46 2.32 -12.03
C PRO A 79 3.86 2.33 -13.44
N GLN A 80 4.49 3.08 -14.36
CA GLN A 80 4.12 3.16 -15.77
C GLN A 80 3.98 1.73 -16.31
N GLU A 81 5.04 0.89 -16.17
CA GLU A 81 5.03 -0.51 -16.62
C GLU A 81 3.87 -1.29 -15.97
N ILE A 82 3.78 -1.24 -14.62
CA ILE A 82 2.74 -1.89 -13.79
C ILE A 82 1.33 -1.50 -14.28
N ARG A 83 1.13 -0.21 -14.58
CA ARG A 83 -0.12 0.31 -15.09
C ARG A 83 -0.35 -0.19 -16.51
N LYS A 84 0.70 -0.14 -17.37
CA LYS A 84 0.66 -0.56 -18.78
C LYS A 84 0.36 -2.06 -18.97
N MET A 85 0.98 -2.90 -18.12
CA MET A 85 0.83 -4.35 -18.17
C MET A 85 -0.49 -4.80 -17.58
N SER A 86 -1.17 -3.90 -16.88
CA SER A 86 -2.44 -4.17 -16.27
C SER A 86 -3.54 -4.21 -17.33
N ALA A 87 -4.51 -5.10 -17.10
CA ALA A 87 -5.69 -5.28 -17.95
C ALA A 87 -6.86 -4.51 -17.32
N VAL A 88 -6.74 -4.24 -16.00
CA VAL A 88 -7.74 -3.57 -15.18
C VAL A 88 -7.19 -2.95 -13.87
N GLU A 89 -7.88 -1.88 -13.42
CA GLU A 89 -7.71 -1.19 -12.16
C GLU A 89 -8.75 -1.90 -11.23
N VAL A 90 -8.25 -2.75 -10.32
CA VAL A 90 -9.05 -3.51 -9.37
C VAL A 90 -9.65 -2.58 -8.32
N THR A 91 -10.96 -2.65 -8.10
CA THR A 91 -11.62 -1.74 -7.17
C THR A 91 -12.48 -2.35 -6.05
N VAL A 92 -13.07 -3.52 -6.30
CA VAL A 92 -13.99 -4.12 -5.35
C VAL A 92 -13.39 -5.19 -4.47
N PRO A 93 -13.39 -5.00 -3.13
CA PRO A 93 -12.89 -6.05 -2.23
C PRO A 93 -13.92 -7.17 -2.08
N ASP A 94 -14.23 -7.82 -3.21
CA ASP A 94 -15.17 -8.93 -3.26
C ASP A 94 -14.59 -10.06 -4.09
N THR A 95 -14.94 -11.31 -3.72
CA THR A 95 -14.51 -12.55 -4.37
C THR A 95 -15.43 -12.69 -5.60
N TYR A 96 -16.09 -13.84 -5.83
CA TYR A 96 -16.97 -13.84 -6.98
C TYR A 96 -18.49 -13.65 -6.68
N ASP A 97 -19.03 -14.30 -5.64
CA ASP A 97 -20.43 -14.17 -5.19
C ASP A 97 -21.53 -14.34 -6.26
N PRO A 102 -21.69 -14.96 -10.00
CA PRO A 102 -20.35 -15.27 -9.49
C PRO A 102 -19.17 -14.86 -10.37
N ILE A 103 -18.86 -13.54 -10.33
CA ILE A 103 -17.77 -12.72 -10.90
C ILE A 103 -18.00 -11.25 -10.50
N GLU A 104 -16.99 -10.34 -10.61
CA GLU A 104 -17.18 -8.95 -10.13
C GLU A 104 -16.69 -7.76 -11.02
N GLY A 105 -16.16 -6.74 -10.34
CA GLY A 105 -15.46 -5.53 -10.78
C GLY A 105 -14.22 -5.35 -9.89
N GLY A 106 -13.93 -6.37 -9.08
CA GLY A 106 -12.83 -6.38 -8.13
C GLY A 106 -11.77 -7.41 -8.39
N VAL A 107 -11.49 -8.25 -7.39
CA VAL A 107 -10.42 -9.26 -7.38
C VAL A 107 -10.53 -10.42 -8.38
N MET A 108 -11.76 -10.69 -8.86
CA MET A 108 -11.94 -11.75 -9.86
C MET A 108 -12.20 -11.24 -11.28
N ASP A 109 -11.95 -12.11 -12.28
CA ASP A 109 -12.00 -11.78 -13.71
C ASP A 109 -12.69 -10.48 -14.10
N LYS A 110 -12.10 -9.38 -13.65
CA LYS A 110 -12.64 -8.15 -14.17
C LYS A 110 -11.66 -7.90 -15.32
N ARG A 111 -11.71 -8.79 -16.37
CA ARG A 111 -10.79 -8.82 -17.51
C ARG A 111 -9.43 -9.38 -17.01
N MET A 112 -9.43 -10.17 -15.91
CA MET A 112 -8.20 -10.65 -15.27
C MET A 112 -7.75 -12.07 -15.64
N GLY A 113 -8.68 -12.91 -16.07
CA GLY A 113 -8.42 -14.28 -16.47
C GLY A 113 -9.61 -15.19 -16.20
N VAL A 114 -9.82 -16.18 -17.06
CA VAL A 114 -10.95 -17.10 -16.89
C VAL A 114 -10.50 -18.35 -16.14
N ILE A 115 -11.31 -18.81 -15.17
CA ILE A 115 -10.96 -20.03 -14.45
C ILE A 115 -12.10 -21.02 -14.23
N ASP A 116 -13.34 -20.53 -14.36
CA ASP A 116 -14.59 -21.29 -14.24
C ASP A 116 -15.30 -21.38 -15.62
N PRO A 117 -16.31 -22.25 -15.81
CA PRO A 117 -17.03 -22.33 -17.11
C PRO A 117 -17.54 -21.07 -17.85
N GLY A 118 -17.16 -19.88 -17.38
CA GLY A 118 -17.56 -18.62 -18.00
C GLY A 118 -16.43 -18.00 -18.78
N LEU A 119 -16.22 -18.48 -20.03
CA LEU A 119 -15.17 -18.12 -20.98
C LEU A 119 -14.80 -16.63 -21.16
N ARG A 120 -15.76 -15.69 -20.99
CA ARG A 120 -15.60 -14.23 -21.18
C ARG A 120 -14.33 -13.69 -20.57
N CYS A 121 -13.61 -12.81 -21.27
CA CYS A 121 -12.35 -12.28 -20.76
C CYS A 121 -12.05 -10.81 -21.11
N GLU A 122 -10.75 -10.48 -21.14
CA GLU A 122 -10.16 -9.19 -21.47
C GLU A 122 -9.90 -9.28 -22.95
N THR A 123 -10.93 -8.87 -23.72
CA THR A 123 -11.09 -8.93 -25.20
C THR A 123 -10.76 -10.31 -25.81
N CYS A 124 -9.64 -10.96 -25.30
CA CYS A 124 -9.07 -12.27 -25.64
C CYS A 124 -10.07 -13.42 -25.57
N GLY A 125 -11.11 -13.25 -24.75
CA GLY A 125 -12.24 -14.16 -24.55
C GLY A 125 -11.92 -15.64 -24.63
N GLY A 126 -10.69 -15.98 -24.30
CA GLY A 126 -10.19 -17.35 -24.30
C GLY A 126 -10.84 -18.11 -23.18
N ARG A 127 -11.28 -19.35 -23.48
CA ARG A 127 -11.94 -20.23 -22.52
C ARG A 127 -11.10 -20.49 -21.24
N ALA A 128 -11.78 -20.90 -20.15
CA ALA A 128 -11.15 -21.23 -18.87
C ALA A 128 -9.96 -22.17 -19.12
N GLY A 129 -10.19 -23.13 -20.02
CA GLY A 129 -9.21 -24.09 -20.49
C GLY A 129 -8.14 -23.43 -21.37
N GLU A 130 -7.05 -23.02 -20.72
CA GLU A 130 -5.92 -22.33 -21.34
C GLU A 130 -6.25 -20.91 -21.88
N CYS A 131 -5.95 -19.95 -21.00
CA CYS A 131 -5.98 -18.50 -21.10
C CYS A 131 -5.02 -18.12 -19.98
N PRO A 132 -3.79 -17.64 -20.24
CA PRO A 132 -2.95 -17.19 -19.11
C PRO A 132 -3.64 -15.94 -18.62
N GLY A 133 -3.63 -15.76 -17.32
CA GLY A 133 -4.32 -14.60 -16.80
C GLY A 133 -3.66 -13.32 -17.25
N HIS A 134 -4.25 -12.22 -16.87
CA HIS A 134 -3.69 -10.93 -17.18
C HIS A 134 -3.56 -10.20 -15.85
N PHE A 135 -2.53 -9.37 -15.70
CA PHE A 135 -2.37 -8.66 -14.45
C PHE A 135 -3.39 -7.55 -14.33
N GLY A 136 -3.83 -7.33 -13.10
CA GLY A 136 -4.66 -6.21 -12.72
C GLY A 136 -3.74 -5.23 -12.01
N HIS A 137 -4.29 -4.15 -11.41
CA HIS A 137 -3.49 -3.18 -10.66
C HIS A 137 -4.31 -2.44 -9.66
N ILE A 138 -3.70 -2.12 -8.51
CA ILE A 138 -4.31 -1.30 -7.48
C ILE A 138 -3.54 0.00 -7.49
N GLU A 139 -4.27 1.11 -7.63
CA GLU A 139 -3.70 2.45 -7.53
C GLU A 139 -3.77 2.76 -6.01
N LEU A 140 -2.60 2.99 -5.39
CA LEU A 140 -2.50 3.21 -3.95
C LEU A 140 -2.67 4.64 -3.52
N ALA A 141 -3.65 4.83 -2.63
CA ALA A 141 -4.04 6.10 -2.02
C ALA A 141 -2.83 6.93 -1.57
N ARG A 142 -1.83 6.25 -0.98
CA ARG A 142 -0.56 6.84 -0.56
C ARG A 142 0.59 5.87 -0.84
N PRO A 143 1.84 6.35 -1.15
CA PRO A 143 2.93 5.41 -1.41
C PRO A 143 3.23 4.53 -0.16
N VAL A 144 3.73 3.34 -0.38
CA VAL A 144 3.97 2.37 0.66
C VAL A 144 5.30 1.75 0.31
N ILE A 145 6.16 1.63 1.32
CA ILE A 145 7.49 1.06 1.14
C ILE A 145 7.51 -0.44 0.68
N HIS A 146 8.26 -0.77 -0.38
CA HIS A 146 8.33 -2.19 -0.72
C HIS A 146 9.30 -2.86 0.25
N VAL A 147 8.71 -3.57 1.20
CA VAL A 147 9.35 -4.34 2.27
C VAL A 147 10.69 -4.97 1.88
N GLY A 148 10.76 -5.55 0.67
CA GLY A 148 11.97 -6.18 0.14
C GLY A 148 13.14 -5.23 0.07
N PHE A 149 12.85 -3.93 -0.18
CA PHE A 149 13.82 -2.83 -0.33
C PHE A 149 14.04 -1.92 0.86
N ALA A 150 13.34 -2.19 1.97
CA ALA A 150 13.44 -1.43 3.21
C ALA A 150 14.87 -1.16 3.60
N LYS A 151 15.65 -2.22 3.86
CA LYS A 151 17.05 -2.03 4.28
C LYS A 151 17.90 -1.28 3.25
N THR A 152 17.61 -1.50 1.94
CA THR A 152 18.27 -0.82 0.84
C THR A 152 17.92 0.66 0.92
N ILE A 153 16.62 0.98 1.04
CA ILE A 153 16.18 2.37 1.18
C ILE A 153 16.98 3.01 2.30
N TYR A 154 17.07 2.33 3.47
CA TYR A 154 17.77 2.82 4.65
C TYR A 154 19.18 3.27 4.35
N ARG A 155 19.94 2.41 3.65
CA ARG A 155 21.30 2.62 3.18
C ARG A 155 21.33 3.89 2.32
N ILE A 156 20.54 3.92 1.22
CA ILE A 156 20.41 5.02 0.26
C ILE A 156 20.04 6.27 0.98
N LEU A 157 18.98 6.22 1.82
CA LEU A 157 18.56 7.34 2.64
C LEU A 157 19.71 7.90 3.49
N GLU A 158 20.37 7.04 4.31
CA GLU A 158 21.47 7.54 5.12
C GLU A 158 22.73 7.96 4.35
N SER A 159 22.97 7.40 3.14
CA SER A 159 24.13 7.70 2.28
C SER A 159 23.96 8.89 1.32
N THR A 160 22.71 9.36 1.12
CA THR A 160 22.44 10.51 0.26
C THR A 160 21.91 11.72 1.05
N CYS A 161 22.06 12.93 0.49
CA CYS A 161 21.66 14.20 1.13
C CYS A 161 20.18 14.51 0.94
N ARG A 162 19.59 15.24 1.90
CA ARG A 162 18.20 15.69 1.79
C ARG A 162 18.22 16.93 0.89
N GLU A 163 17.03 17.47 0.53
CA GLU A 163 16.83 18.70 -0.27
C GLU A 163 17.44 18.74 -1.69
N CYS A 164 18.77 18.40 -1.84
CA CYS A 164 19.45 18.34 -3.14
C CYS A 164 19.51 16.92 -3.71
N GLY A 165 19.95 15.95 -2.90
CA GLY A 165 19.97 14.53 -3.29
C GLY A 165 21.28 13.88 -3.70
N ARG A 166 22.44 14.56 -3.50
CA ARG A 166 23.75 14.02 -3.87
C ARG A 166 24.20 12.87 -2.94
N ILE A 167 25.10 12.00 -3.44
CA ILE A 167 25.63 10.84 -2.72
C ILE A 167 26.49 11.15 -1.48
N LYS A 168 26.47 12.39 -0.97
CA LYS A 168 27.23 12.80 0.21
C LYS A 168 28.74 12.50 0.10
N LEU A 169 29.28 12.59 -1.12
CA LEU A 169 30.71 12.40 -1.40
C LEU A 169 31.22 13.59 -2.19
N THR A 170 32.47 14.00 -1.93
CA THR A 170 33.12 15.11 -2.65
C THR A 170 33.22 14.72 -4.11
N ASP A 171 33.11 15.69 -5.04
CA ASP A 171 33.24 15.40 -6.48
C ASP A 171 34.57 14.63 -6.74
N GLU A 172 35.57 14.88 -5.87
CA GLU A 172 36.89 14.26 -5.78
C GLU A 172 36.69 12.77 -5.51
N GLU A 173 35.89 12.42 -4.46
CA GLU A 173 35.57 11.05 -4.06
C GLU A 173 34.87 10.32 -5.19
N ILE A 174 33.85 10.95 -5.80
CA ILE A 174 33.06 10.40 -6.91
C ILE A 174 33.93 10.04 -8.12
N GLU A 175 34.81 10.97 -8.55
CA GLU A 175 35.72 10.74 -9.67
C GLU A 175 36.55 9.48 -9.42
N GLU A 176 37.19 9.35 -8.23
CA GLU A 176 37.97 8.16 -7.88
C GLU A 176 37.14 6.89 -7.67
N TYR A 177 35.99 7.01 -6.98
CA TYR A 177 35.12 5.86 -6.70
C TYR A 177 34.42 5.29 -7.94
N MET A 178 33.78 6.13 -8.79
CA MET A 178 33.09 5.67 -10.02
C MET A 178 34.08 4.89 -10.88
N LYS A 179 35.34 5.37 -10.94
CA LYS A 179 36.48 4.75 -11.61
C LYS A 179 36.83 3.41 -10.92
N LYS A 180 36.82 3.38 -9.56
CA LYS A 180 37.12 2.19 -8.75
C LYS A 180 36.06 1.11 -8.94
N ILE A 181 34.78 1.54 -9.09
CA ILE A 181 33.63 0.68 -9.33
C ILE A 181 33.82 -0.01 -10.70
N GLU A 182 33.96 0.79 -11.78
CA GLU A 182 34.19 0.31 -13.15
C GLU A 182 35.16 -0.88 -13.19
N LEU A 183 36.26 -0.78 -12.40
CA LEU A 183 37.28 -1.81 -12.27
C LEU A 183 36.68 -3.11 -11.69
N ALA A 184 36.06 -3.03 -10.50
CA ALA A 184 35.47 -4.20 -9.88
C ALA A 184 33.95 -4.33 -10.16
N ARG A 185 33.49 -3.82 -11.34
CA ARG A 185 32.07 -3.83 -11.77
C ARG A 185 31.56 -5.25 -12.08
N ASN A 186 32.44 -6.06 -12.72
CA ASN A 186 32.19 -7.44 -13.13
C ASN A 186 32.11 -8.37 -11.92
N ARG A 187 33.12 -8.34 -11.05
CA ARG A 187 33.21 -9.15 -9.83
C ARG A 187 32.19 -8.66 -8.78
N ARG A 188 31.20 -9.51 -8.47
CA ARG A 188 30.11 -9.17 -7.54
C ARG A 188 30.52 -8.96 -6.07
N SER A 189 31.33 -9.88 -5.49
CA SER A 189 31.73 -9.83 -4.08
C SER A 189 32.53 -8.62 -3.67
N GLU A 190 33.44 -8.15 -4.54
CA GLU A 190 34.26 -6.96 -4.25
C GLU A 190 33.58 -5.65 -4.59
N PHE A 191 32.55 -5.71 -5.45
CA PHE A 191 31.72 -4.56 -5.77
C PHE A 191 30.88 -4.24 -4.54
N ASN A 192 30.47 -5.28 -3.78
CA ASN A 192 29.73 -5.13 -2.54
C ASN A 192 30.68 -4.73 -1.41
N GLU A 193 31.98 -5.06 -1.57
CA GLU A 193 33.00 -4.64 -0.60
C GLU A 193 33.17 -3.12 -0.69
N ILE A 194 33.02 -2.57 -1.93
CA ILE A 194 33.12 -1.14 -2.21
C ILE A 194 31.83 -0.36 -1.92
N ILE A 195 30.66 -1.02 -2.09
CA ILE A 195 29.33 -0.45 -1.81
C ILE A 195 29.19 -0.14 -0.32
N LYS A 196 29.59 -1.11 0.54
CA LYS A 196 29.55 -0.94 1.99
C LYS A 196 30.52 0.12 2.44
N GLU A 197 31.70 0.23 1.77
CA GLU A 197 32.70 1.26 2.10
C GLU A 197 32.15 2.66 1.82
N ILE A 198 31.58 2.87 0.63
CA ILE A 198 30.97 4.15 0.25
C ILE A 198 29.92 4.56 1.30
N HIS A 199 29.00 3.65 1.64
CA HIS A 199 27.93 3.85 2.61
C HIS A 199 28.47 4.34 3.94
N LYS A 200 29.25 3.51 4.66
CA LYS A 200 29.84 3.90 5.95
C LYS A 200 30.53 5.27 5.87
N LYS A 201 31.19 5.58 4.74
CA LYS A 201 31.88 6.85 4.54
C LYS A 201 30.96 8.06 4.39
N ALA A 202 29.77 7.90 3.76
CA ALA A 202 28.77 8.97 3.59
C ALA A 202 27.78 9.02 4.78
N LYS A 203 27.62 7.88 5.48
CA LYS A 203 26.79 7.68 6.67
C LYS A 203 27.32 8.53 7.85
N GLU A 204 28.67 8.70 7.93
CA GLU A 204 29.32 9.47 8.98
C GLU A 204 29.41 10.98 8.69
N ARG A 205 28.95 11.41 7.50
CA ARG A 205 28.96 12.83 7.11
C ARG A 205 27.64 13.49 7.50
N MET A 206 27.65 14.81 7.74
CA MET A 206 26.45 15.56 8.12
C MET A 206 26.36 16.97 7.50
N VAL A 207 27.33 17.31 6.64
CA VAL A 207 27.38 18.62 5.97
C VAL A 207 27.05 18.45 4.48
N CYS A 208 26.18 19.35 3.94
CA CYS A 208 25.74 19.32 2.54
C CYS A 208 26.84 19.79 1.56
N PRO A 209 27.39 18.89 0.69
CA PRO A 209 28.42 19.32 -0.27
C PRO A 209 27.80 19.79 -1.60
N PRO A 217 20.91 15.28 9.77
CA PRO A 217 20.37 14.39 10.80
C PRO A 217 20.47 12.92 10.47
N ILE A 218 20.53 12.09 11.51
CA ILE A 218 20.68 10.63 11.47
C ILE A 218 19.39 9.85 11.08
N LYS A 219 19.44 8.47 10.97
CA LYS A 219 18.28 7.61 10.58
C LYS A 219 18.07 6.34 11.45
N PHE A 220 16.82 5.78 11.51
CA PHE A 220 16.44 4.59 12.33
C PHE A 220 15.49 3.62 11.57
N GLU A 221 15.33 2.30 11.99
CA GLU A 221 14.52 1.31 11.22
C GLU A 221 13.44 0.26 11.85
N LYS A 222 12.96 -0.69 10.94
CA LYS A 222 12.20 -1.99 10.96
C LYS A 222 10.68 -2.16 11.15
N PRO A 223 9.96 -2.90 10.25
CA PRO A 223 10.37 -3.45 8.94
C PRO A 223 10.30 -2.44 7.81
N THR A 224 9.55 -1.32 7.98
CA THR A 224 9.34 -0.29 6.95
C THR A 224 9.33 1.15 7.54
N ILE A 225 9.60 1.27 8.86
CA ILE A 225 9.55 2.56 9.59
C ILE A 225 10.87 3.27 9.62
N TYR A 226 10.89 4.57 9.22
CA TYR A 226 12.09 5.43 9.18
C TYR A 226 11.90 6.74 9.94
N TRP A 227 12.98 7.25 10.55
CA TRP A 227 12.96 8.50 11.32
C TRP A 227 14.21 9.35 11.05
N GLU A 228 14.14 10.64 11.44
CA GLU A 228 15.28 11.53 11.47
C GLU A 228 15.34 12.28 12.80
N ILE A 229 16.37 11.98 13.62
CA ILE A 229 16.51 12.60 14.93
C ILE A 229 16.91 14.04 14.76
N ARG A 230 16.05 14.95 15.24
CA ARG A 230 16.28 16.38 15.15
C ARG A 230 16.21 17.03 16.54
N LYS A 231 16.93 18.15 16.73
CA LYS A 231 16.97 18.83 18.02
C LYS A 231 16.16 20.13 18.02
N ASP A 232 15.88 20.65 19.23
CA ASP A 232 15.16 21.91 19.46
C ASP A 232 15.54 22.52 20.82
N ASN A 236 17.20 17.82 23.41
CA ASN A 236 15.85 17.52 22.90
C ASN A 236 15.88 16.67 21.58
N GLU A 237 15.67 15.33 21.70
CA GLU A 237 15.73 14.41 20.56
C GLU A 237 14.41 14.13 19.77
N TYR A 238 13.61 15.20 19.46
CA TYR A 238 12.37 15.01 18.72
C TYR A 238 12.62 14.21 17.46
N ARG A 239 12.22 12.93 17.46
CA ARG A 239 12.46 12.05 16.32
C ARG A 239 11.35 12.16 15.31
N HIS A 240 11.64 12.83 14.19
CA HIS A 240 10.69 13.05 13.12
C HIS A 240 10.54 11.79 12.29
N ARG A 241 9.32 11.25 12.17
CA ARG A 241 9.06 10.04 11.35
C ARG A 241 9.03 10.35 9.87
N LEU A 242 9.78 9.56 9.11
CA LEU A 242 9.85 9.68 7.66
C LEU A 242 8.76 8.86 6.99
N MET A 243 7.81 9.60 6.39
CA MET A 243 6.66 9.02 5.73
C MET A 243 6.93 8.66 4.25
N PRO A 244 6.34 7.58 3.67
CA PRO A 244 6.63 7.22 2.27
C PRO A 244 6.67 8.31 1.21
N THR A 245 5.77 9.32 1.27
CA THR A 245 5.81 10.46 0.35
C THR A 245 7.12 11.26 0.49
N GLU A 246 7.61 11.46 1.73
CA GLU A 246 8.87 12.19 2.00
C GLU A 246 10.00 11.34 1.46
N VAL A 247 10.06 10.08 1.89
CA VAL A 247 11.06 9.08 1.49
C VAL A 247 11.09 8.93 -0.05
N ARG A 248 9.90 8.78 -0.68
CA ARG A 248 9.80 8.63 -2.14
C ARG A 248 10.38 9.83 -2.85
N ASP A 249 9.82 11.05 -2.63
CA ASP A 249 10.27 12.28 -3.26
C ASP A 249 11.74 12.61 -3.01
N TRP A 250 12.18 12.29 -1.80
CA TRP A 250 13.55 12.41 -1.32
C TRP A 250 14.48 11.60 -2.22
N LEU A 251 13.99 10.42 -2.66
CA LEU A 251 14.69 9.46 -3.50
C LEU A 251 14.55 9.79 -4.99
N GLU A 252 13.44 10.47 -5.42
CA GLU A 252 13.22 10.81 -6.83
C GLU A 252 14.27 11.79 -7.29
N LYS A 253 14.85 12.55 -6.32
CA LYS A 253 15.90 13.56 -6.45
C LYS A 253 17.26 12.98 -6.93
N ILE A 254 17.82 11.95 -6.22
CA ILE A 254 19.11 11.28 -6.53
C ILE A 254 19.33 11.13 -8.03
N PRO A 255 20.33 11.81 -8.58
CA PRO A 255 20.52 11.73 -10.04
C PRO A 255 21.01 10.36 -10.48
N ASP A 256 20.76 10.00 -11.76
CA ASP A 256 21.17 8.73 -12.38
C ASP A 256 22.67 8.58 -12.24
N LYS A 257 23.38 9.71 -12.25
CA LYS A 257 24.82 9.91 -12.08
C LYS A 257 25.29 9.30 -10.75
N ASP A 258 24.51 9.53 -9.69
CA ASP A 258 24.82 9.05 -8.35
C ASP A 258 24.47 7.60 -8.09
N LEU A 259 23.42 7.08 -8.77
CA LEU A 259 22.92 5.72 -8.66
C LEU A 259 23.96 4.58 -8.60
N PRO A 260 25.04 4.58 -9.44
CA PRO A 260 26.03 3.49 -9.34
C PRO A 260 26.90 3.52 -8.08
N LEU A 261 26.97 4.67 -7.37
CA LEU A 261 27.70 4.77 -6.08
C LEU A 261 26.92 4.12 -4.92
N LEU A 262 25.87 3.40 -5.31
CA LEU A 262 24.92 2.61 -4.56
C LEU A 262 24.61 1.43 -5.47
N GLY A 263 23.78 0.50 -5.01
CA GLY A 263 23.47 -0.71 -5.77
C GLY A 263 22.77 -0.49 -7.09
N LEU A 264 21.88 0.50 -7.09
CA LEU A 264 20.95 0.84 -8.16
C LEU A 264 21.42 1.24 -9.58
N ASP A 265 20.58 0.93 -10.60
CA ASP A 265 20.78 1.24 -12.04
C ASP A 265 19.76 2.29 -12.58
N PRO A 266 20.26 3.33 -13.30
CA PRO A 266 19.38 4.38 -13.84
C PRO A 266 18.15 3.94 -14.62
N GLU A 267 18.27 2.88 -15.45
CA GLU A 267 17.18 2.40 -16.30
C GLU A 267 16.35 1.31 -15.65
N LYS A 268 17.02 0.30 -15.10
CA LYS A 268 16.43 -0.92 -14.53
C LYS A 268 15.86 -0.77 -13.12
N SER A 269 16.46 0.13 -12.30
CA SER A 269 16.03 0.24 -10.91
C SER A 269 16.14 1.60 -10.24
N ARG A 270 15.25 2.54 -10.60
CA ARG A 270 15.21 3.87 -9.96
C ARG A 270 14.82 3.72 -8.46
N PRO A 271 15.57 4.39 -7.54
CA PRO A 271 15.30 4.26 -6.09
C PRO A 271 13.86 4.48 -5.71
N GLU A 272 13.24 5.51 -6.31
CA GLU A 272 11.85 5.88 -6.10
C GLU A 272 10.91 4.68 -6.33
N TRP A 273 11.25 3.82 -7.31
CA TRP A 273 10.44 2.67 -7.63
C TRP A 273 10.30 1.69 -6.48
N MET A 274 11.11 1.86 -5.40
CA MET A 274 11.14 1.00 -4.20
C MET A 274 10.05 1.28 -3.19
N VAL A 275 9.40 2.46 -3.31
CA VAL A 275 8.24 2.88 -2.51
C VAL A 275 7.10 2.78 -3.53
N LEU A 276 6.17 1.87 -3.29
CA LEU A 276 5.07 1.51 -4.20
C LEU A 276 4.00 2.57 -4.37
N THR A 277 3.59 2.79 -5.61
CA THR A 277 2.57 3.79 -5.95
C THR A 277 1.42 3.04 -6.59
N VAL A 278 1.80 1.96 -7.28
CA VAL A 278 0.93 1.01 -7.97
C VAL A 278 1.42 -0.38 -7.56
N LEU A 279 0.48 -1.21 -7.10
CA LEU A 279 0.77 -2.57 -6.70
C LEU A 279 0.12 -3.52 -7.72
N PRO A 280 0.90 -4.27 -8.54
CA PRO A 280 0.27 -5.22 -9.49
C PRO A 280 -0.54 -6.31 -8.80
N VAL A 281 -1.72 -6.60 -9.36
CA VAL A 281 -2.64 -7.63 -8.92
C VAL A 281 -2.37 -8.86 -9.79
N PRO A 282 -1.92 -10.01 -9.20
CA PRO A 282 -1.61 -11.19 -10.05
C PRO A 282 -2.77 -11.68 -10.91
N PRO A 283 -2.50 -12.31 -12.07
CA PRO A 283 -3.59 -12.86 -12.89
C PRO A 283 -4.25 -13.99 -12.13
N VAL A 284 -5.52 -14.21 -12.44
CA VAL A 284 -6.40 -15.23 -11.86
C VAL A 284 -5.79 -16.65 -11.80
N THR A 285 -5.08 -17.06 -12.87
CA THR A 285 -4.39 -18.35 -12.98
C THR A 285 -3.38 -18.60 -11.83
N ALA A 286 -2.74 -17.52 -11.31
CA ALA A 286 -1.80 -17.57 -10.20
C ALA A 286 -2.53 -17.72 -8.85
N ARG A 287 -3.80 -17.29 -8.80
CA ARG A 287 -4.60 -17.27 -7.58
C ARG A 287 -5.85 -18.20 -7.61
N PRO A 288 -5.75 -19.50 -8.03
CA PRO A 288 -6.94 -20.35 -8.05
C PRO A 288 -7.54 -20.68 -6.69
N SER A 289 -8.86 -20.79 -6.64
CA SER A 289 -9.58 -21.16 -5.42
C SER A 289 -9.63 -22.68 -5.35
N ILE A 290 -9.46 -23.25 -4.15
CA ILE A 290 -9.52 -24.70 -3.91
C ILE A 290 -11.01 -25.10 -3.63
N THR A 291 -11.88 -24.88 -4.65
CA THR A 291 -13.34 -25.09 -4.67
C THR A 291 -13.86 -26.39 -4.02
N LEU A 292 -15.07 -26.34 -3.45
CA LEU A 292 -15.73 -27.48 -2.81
C LEU A 292 -16.84 -28.04 -3.70
N ILE A 296 -19.31 -20.97 -0.40
CA ILE A 296 -18.31 -21.46 0.54
C ILE A 296 -17.20 -22.25 -0.22
N ARG A 297 -16.15 -21.53 -0.66
CA ARG A 297 -15.02 -22.10 -1.40
C ARG A 297 -13.70 -21.65 -0.77
N ALA A 298 -12.67 -22.48 -0.87
CA ALA A 298 -11.36 -22.13 -0.32
C ALA A 298 -10.60 -21.15 -1.23
N GLU A 299 -10.93 -19.87 -1.09
CA GLU A 299 -10.32 -18.75 -1.80
C GLU A 299 -8.83 -18.72 -1.47
N ASP A 300 -7.97 -18.53 -2.49
CA ASP A 300 -6.49 -18.47 -2.40
C ASP A 300 -6.00 -17.32 -1.53
N ASP A 301 -4.98 -17.60 -0.68
CA ASP A 301 -4.35 -16.63 0.25
C ASP A 301 -3.99 -15.28 -0.43
N LEU A 302 -3.48 -15.32 -1.67
CA LEU A 302 -3.14 -14.11 -2.39
C LEU A 302 -4.34 -13.25 -2.73
N THR A 303 -5.49 -13.88 -3.01
CA THR A 303 -6.75 -13.20 -3.28
C THR A 303 -7.30 -12.56 -1.97
N HIS A 304 -7.23 -13.28 -0.82
CA HIS A 304 -7.68 -12.82 0.51
C HIS A 304 -6.99 -11.54 0.95
N LYS A 305 -5.64 -11.48 0.85
CA LYS A 305 -4.88 -10.29 1.22
C LYS A 305 -5.10 -9.16 0.23
N LEU A 306 -5.33 -9.51 -1.04
CA LEU A 306 -5.68 -8.53 -2.05
C LEU A 306 -7.03 -7.90 -1.74
N VAL A 307 -8.01 -8.68 -1.20
CA VAL A 307 -9.30 -8.13 -0.75
C VAL A 307 -9.00 -7.15 0.39
N ASP A 308 -8.15 -7.58 1.34
CA ASP A 308 -7.78 -6.74 2.48
C ASP A 308 -7.01 -5.50 2.12
N ILE A 309 -6.20 -5.54 1.03
CA ILE A 309 -5.47 -4.36 0.56
C ILE A 309 -6.45 -3.36 0.00
N ILE A 310 -7.33 -3.80 -0.90
CA ILE A 310 -8.33 -2.91 -1.51
C ILE A 310 -9.25 -2.36 -0.47
N ARG A 311 -9.67 -3.23 0.48
CA ARG A 311 -10.60 -2.87 1.54
C ARG A 311 -10.10 -1.59 2.20
N ILE A 312 -8.86 -1.65 2.73
CA ILE A 312 -8.23 -0.49 3.35
C ILE A 312 -7.97 0.62 2.34
N ASN A 313 -7.37 0.31 1.17
CA ASN A 313 -7.07 1.35 0.18
C ASN A 313 -8.23 2.26 -0.16
N ASN A 314 -9.46 1.70 -0.29
CA ASN A 314 -10.64 2.51 -0.55
C ASN A 314 -10.97 3.28 0.74
N ARG A 315 -10.84 2.65 1.94
CA ARG A 315 -11.08 3.32 3.22
C ARG A 315 -10.16 4.52 3.41
N LEU A 316 -8.93 4.41 2.89
CA LEU A 316 -7.95 5.50 2.94
C LEU A 316 -8.43 6.61 2.02
N LYS A 317 -8.57 6.33 0.70
CA LYS A 317 -9.04 7.28 -0.30
C LYS A 317 -10.27 8.05 0.19
N GLN A 318 -11.20 7.35 0.90
CA GLN A 318 -12.43 7.90 1.50
C GLN A 318 -12.10 9.04 2.48
N ASN A 319 -11.20 8.76 3.46
CA ASN A 319 -10.79 9.69 4.52
C ASN A 319 -9.80 10.74 4.03
N ILE A 320 -9.18 10.51 2.86
CA ILE A 320 -8.27 11.47 2.24
C ILE A 320 -9.12 12.51 1.54
N GLU A 321 -10.10 12.04 0.70
CA GLU A 321 -11.05 12.87 -0.06
C GLU A 321 -11.95 13.63 0.90
N ALA A 322 -12.26 13.05 2.06
CA ALA A 322 -13.03 13.68 3.14
C ALA A 322 -12.05 14.51 3.98
N GLY A 323 -12.42 14.82 5.21
CA GLY A 323 -11.57 15.56 6.13
C GLY A 323 -10.31 14.82 6.52
N ALA A 324 -9.23 15.56 6.68
CA ALA A 324 -7.95 14.96 6.95
C ALA A 324 -7.36 15.23 8.34
N PRO A 325 -7.87 14.62 9.46
CA PRO A 325 -7.25 14.90 10.78
C PRO A 325 -5.80 14.38 10.92
N GLN A 326 -5.20 13.90 9.80
CA GLN A 326 -3.81 13.43 9.65
C GLN A 326 -3.46 12.25 10.53
N LEU A 327 -3.83 12.32 11.84
CA LEU A 327 -3.63 11.28 12.85
C LEU A 327 -4.37 10.05 12.40
N ILE A 328 -5.49 10.26 11.68
CA ILE A 328 -6.31 9.21 11.10
C ILE A 328 -5.63 8.64 9.86
N ILE A 329 -5.24 9.53 8.91
CA ILE A 329 -4.58 9.14 7.66
C ILE A 329 -3.37 8.30 7.98
N GLU A 330 -2.58 8.76 8.95
CA GLU A 330 -1.38 8.06 9.42
C GLU A 330 -1.76 6.65 9.83
N ASP A 331 -2.76 6.52 10.75
CA ASP A 331 -3.24 5.22 11.24
C ASP A 331 -3.68 4.27 10.14
N LEU A 332 -4.35 4.81 9.11
CA LEU A 332 -4.81 4.06 7.96
C LEU A 332 -3.65 3.79 7.01
N TRP A 333 -2.85 4.81 6.68
CA TRP A 333 -1.69 4.65 5.81
C TRP A 333 -0.80 3.57 6.35
N ASP A 334 -0.56 3.56 7.69
CA ASP A 334 0.29 2.57 8.33
C ASP A 334 -0.30 1.18 8.18
N LEU A 335 -1.65 1.10 8.12
CA LEU A 335 -2.37 -0.17 7.95
C LEU A 335 -2.30 -0.67 6.51
N LEU A 336 -2.38 0.26 5.53
CA LEU A 336 -2.27 -0.06 4.11
C LEU A 336 -0.88 -0.62 3.91
N GLN A 337 0.15 0.02 4.54
CA GLN A 337 1.53 -0.44 4.50
C GLN A 337 1.56 -1.84 5.05
N TYR A 338 0.96 -2.07 6.26
CA TYR A 338 0.90 -3.40 6.85
C TYR A 338 0.43 -4.43 5.82
N HIS A 339 -0.78 -4.24 5.27
CA HIS A 339 -1.35 -5.18 4.33
C HIS A 339 -0.47 -5.47 3.13
N VAL A 340 0.20 -4.43 2.64
CA VAL A 340 1.08 -4.62 1.50
C VAL A 340 2.29 -5.44 1.93
N THR A 341 2.86 -5.12 3.12
CA THR A 341 4.02 -5.80 3.71
C THR A 341 3.82 -7.31 3.93
N THR A 342 2.61 -7.71 4.35
CA THR A 342 2.27 -9.09 4.62
C THR A 342 2.07 -9.82 3.33
N TYR A 343 1.45 -9.14 2.35
CA TYR A 343 1.19 -9.65 1.01
C TYR A 343 2.53 -9.91 0.33
N ILE A 344 3.50 -8.96 0.46
CA ILE A 344 4.85 -9.14 -0.10
C ILE A 344 5.59 -10.25 0.64
N ASN A 345 5.55 -10.23 1.97
CA ASN A 345 6.24 -11.24 2.76
C ASN A 345 5.55 -11.41 4.12
N ASN A 346 4.77 -12.50 4.31
CA ASN A 346 4.10 -12.73 5.59
C ASN A 346 5.10 -13.11 6.71
N GLU A 347 6.21 -13.76 6.31
CA GLU A 347 7.34 -14.19 7.15
C GLU A 347 8.34 -13.02 7.24
N ALA A 348 7.85 -11.79 7.32
CA ALA A 348 8.78 -10.68 7.38
C ALA A 348 9.24 -10.31 8.81
N PRO A 349 10.56 -10.08 9.03
CA PRO A 349 11.01 -9.70 10.37
C PRO A 349 10.46 -8.35 10.79
N GLY A 350 9.74 -8.34 11.90
CA GLY A 350 9.12 -7.15 12.48
C GLY A 350 7.69 -6.97 12.00
N VAL A 351 7.08 -8.06 11.55
CA VAL A 351 5.75 -8.05 10.98
C VAL A 351 4.95 -9.10 11.67
N PRO A 352 3.91 -8.69 12.42
CA PRO A 352 3.02 -9.68 13.05
C PRO A 352 2.32 -10.43 11.91
N PRO A 353 2.55 -11.77 11.77
CA PRO A 353 2.03 -12.48 10.59
C PRO A 353 0.54 -12.47 10.48
N ALA A 354 0.03 -12.10 9.30
CA ALA A 354 -1.38 -12.11 9.01
C ALA A 354 -1.83 -13.56 9.08
N LYS A 355 -2.92 -13.79 9.82
CA LYS A 355 -3.44 -15.13 10.03
C LYS A 355 -4.91 -15.16 9.64
N HIS A 356 -5.43 -16.34 9.28
CA HIS A 356 -6.86 -16.45 9.02
C HIS A 356 -7.51 -17.00 10.29
N LYS A 357 -8.81 -16.67 10.52
CA LYS A 357 -9.64 -17.07 11.67
C LYS A 357 -9.52 -18.59 11.90
N SER A 358 -8.45 -18.97 12.64
CA SER A 358 -7.98 -20.33 12.96
C SER A 358 -6.56 -20.21 13.54
N GLY A 359 -5.87 -19.14 13.17
CA GLY A 359 -4.51 -18.85 13.61
C GLY A 359 -3.44 -19.28 12.64
N ARG A 360 -3.80 -20.10 11.64
CA ARG A 360 -2.88 -20.58 10.62
C ARG A 360 -2.42 -19.36 9.84
N PRO A 361 -1.09 -19.11 9.75
CA PRO A 361 -0.63 -17.92 9.04
C PRO A 361 -0.65 -18.10 7.53
N LEU A 362 -1.17 -17.10 6.81
CA LEU A 362 -1.24 -17.05 5.35
C LEU A 362 0.14 -17.34 4.71
N LYS A 363 0.14 -18.01 3.53
CA LYS A 363 1.38 -18.26 2.79
C LYS A 363 1.35 -17.39 1.51
N THR A 364 2.04 -16.23 1.56
CA THR A 364 2.02 -15.23 0.48
C THR A 364 3.11 -15.33 -0.61
N LEU A 365 3.43 -14.18 -1.26
CA LEU A 365 4.37 -14.06 -2.37
C LEU A 365 5.73 -14.63 -2.07
N ALA A 366 6.43 -14.03 -1.09
CA ALA A 366 7.75 -14.51 -0.67
C ALA A 366 7.66 -16.02 -0.35
N GLN A 367 6.53 -16.45 0.23
CA GLN A 367 6.30 -17.84 0.61
C GLN A 367 6.13 -18.70 -0.62
N ARG A 368 5.60 -18.11 -1.70
CA ARG A 368 5.40 -18.81 -2.96
C ARG A 368 6.70 -18.91 -3.72
N LEU A 369 7.32 -17.75 -4.08
CA LEU A 369 8.55 -17.76 -4.86
C LEU A 369 9.81 -18.38 -4.25
N LYS A 370 9.71 -18.79 -2.99
CA LYS A 370 10.74 -19.54 -2.28
C LYS A 370 10.11 -20.94 -2.13
N GLY A 371 10.89 -22.00 -2.35
CA GLY A 371 10.39 -23.37 -2.24
C GLY A 371 10.00 -23.80 -0.84
N PHE A 399 11.25 -24.61 -9.08
CA PHE A 399 12.12 -23.43 -8.98
C PHE A 399 12.08 -22.84 -7.61
N GLU A 400 13.06 -23.14 -6.76
CA GLU A 400 13.08 -22.53 -5.44
C GLU A 400 14.01 -21.29 -5.53
N ILE A 401 13.60 -20.15 -4.90
CA ILE A 401 14.34 -18.86 -4.95
C ILE A 401 14.51 -18.18 -3.58
N THR A 402 15.78 -17.95 -3.17
CA THR A 402 16.13 -17.21 -1.95
C THR A 402 15.90 -15.74 -2.30
N VAL A 403 14.90 -15.13 -1.65
CA VAL A 403 14.45 -13.75 -1.93
C VAL A 403 15.51 -12.65 -1.82
N GLN A 404 16.38 -12.69 -0.78
CA GLN A 404 17.44 -11.70 -0.55
C GLN A 404 18.18 -11.45 -1.87
N HIS A 405 18.61 -12.55 -2.51
CA HIS A 405 19.28 -12.66 -3.80
C HIS A 405 18.49 -11.93 -4.91
N LEU A 406 17.15 -12.13 -4.95
CA LEU A 406 16.22 -11.53 -5.95
C LEU A 406 16.32 -10.03 -5.96
N PHE A 407 16.26 -9.46 -4.77
CA PHE A 407 16.31 -8.04 -4.56
C PHE A 407 17.64 -7.45 -4.95
N GLU A 408 18.76 -8.07 -4.51
CA GLU A 408 20.11 -7.65 -4.90
C GLU A 408 20.25 -7.61 -6.43
N ALA A 409 19.63 -8.62 -7.13
CA ALA A 409 19.60 -8.80 -8.59
C ALA A 409 18.92 -7.57 -9.16
N ALA A 410 17.64 -7.37 -8.85
CA ALA A 410 16.82 -6.23 -9.26
C ALA A 410 17.48 -4.88 -8.93
N GLU A 411 18.18 -4.80 -7.78
CA GLU A 411 18.92 -3.61 -7.33
C GLU A 411 20.00 -3.36 -8.35
N LYS A 412 20.91 -4.34 -8.51
CA LYS A 412 22.05 -4.21 -9.40
C LYS A 412 21.69 -4.33 -10.89
N GLY A 413 20.52 -4.87 -11.19
CA GLY A 413 20.08 -5.12 -12.56
C GLY A 413 20.77 -6.33 -13.16
N GLU A 414 21.01 -7.38 -12.32
CA GLU A 414 21.70 -8.63 -12.64
C GLU A 414 21.08 -9.36 -13.77
N VAL A 415 21.91 -9.98 -14.60
CA VAL A 415 21.43 -10.73 -15.75
C VAL A 415 21.74 -12.18 -15.60
N ASP A 416 20.70 -13.00 -15.43
CA ASP A 416 20.82 -14.45 -15.42
C ASP A 416 20.83 -14.85 -16.87
N ASN A 417 21.64 -15.85 -17.23
CA ASN A 417 21.70 -16.39 -18.58
C ASN A 417 21.27 -17.87 -18.52
N LEU A 418 20.68 -18.36 -19.61
CA LEU A 418 20.11 -19.71 -19.64
C LEU A 418 20.72 -20.35 -20.89
N ASN A 419 21.99 -20.89 -20.81
CA ASN A 419 22.71 -21.41 -22.01
C ASN A 419 23.74 -22.59 -22.02
N GLY A 420 24.71 -22.67 -21.11
CA GLY A 420 25.79 -23.67 -21.17
C GLY A 420 25.64 -25.05 -20.56
N VAL A 421 24.96 -25.12 -19.41
CA VAL A 421 24.61 -26.31 -18.60
C VAL A 421 23.12 -25.99 -18.38
N ILE A 422 22.31 -26.12 -19.46
CA ILE A 422 20.89 -25.80 -19.55
C ILE A 422 19.99 -26.50 -18.49
N GLU A 423 18.98 -25.78 -17.95
CA GLU A 423 17.99 -26.29 -16.98
C GLU A 423 16.79 -26.87 -17.70
N ASN A 424 16.63 -28.21 -17.72
CA ASN A 424 15.45 -28.72 -18.41
C ASN A 424 14.13 -28.45 -17.67
N VAL A 425 14.18 -28.15 -16.33
CA VAL A 425 12.95 -27.92 -15.58
C VAL A 425 12.17 -26.65 -15.99
N LEU A 426 12.77 -25.89 -16.91
CA LEU A 426 12.21 -24.73 -17.60
C LEU A 426 12.46 -25.11 -19.08
N ILE A 427 11.39 -25.38 -19.85
CA ILE A 427 11.51 -25.94 -21.21
C ILE A 427 12.19 -25.10 -22.34
N GLY A 428 12.78 -25.84 -23.28
CA GLY A 428 13.41 -25.28 -24.47
C GLY A 428 12.97 -26.00 -25.73
N LYS B 4 -8.76 18.77 24.73
CA LYS B 4 -7.99 17.96 23.77
C LYS B 4 -8.89 16.98 23.01
N ILE B 5 -8.65 16.82 21.69
CA ILE B 5 -9.41 15.87 20.89
C ILE B 5 -8.62 14.60 20.71
N PHE B 6 -9.20 13.47 21.11
CA PHE B 6 -8.55 12.19 20.98
C PHE B 6 -9.27 11.36 19.95
N ALA B 7 -8.53 10.88 18.96
CA ALA B 7 -9.11 10.03 17.93
C ALA B 7 -9.25 8.62 18.51
N VAL B 8 -10.41 8.01 18.29
CA VAL B 8 -10.73 6.71 18.85
C VAL B 8 -11.19 5.77 17.75
N ARG B 9 -10.50 4.64 17.61
CA ARG B 9 -10.86 3.61 16.62
C ARG B 9 -12.24 2.96 16.98
N VAL B 10 -12.97 2.60 15.92
CA VAL B 10 -14.34 2.05 15.91
C VAL B 10 -14.41 1.03 14.73
N THR B 11 -15.35 0.07 14.81
CA THR B 11 -15.60 -0.96 13.79
C THR B 11 -16.46 -0.35 12.65
N HIS B 12 -16.57 -1.03 11.49
CA HIS B 12 -17.37 -0.56 10.34
C HIS B 12 -18.82 -0.23 10.73
N GLY B 13 -19.31 0.92 10.26
CA GLY B 13 -20.67 1.40 10.48
C GLY B 13 -20.99 1.79 11.91
N GLN B 14 -20.33 1.13 12.86
CA GLN B 14 -20.49 1.28 14.30
C GLN B 14 -20.17 2.65 14.87
N GLU B 15 -19.83 3.64 14.00
CA GLU B 15 -19.50 5.03 14.35
C GLU B 15 -20.49 5.71 15.32
N GLU B 16 -21.71 5.98 14.82
CA GLU B 16 -22.83 6.63 15.50
C GLU B 16 -23.22 5.87 16.78
N THR B 17 -23.32 4.53 16.70
CA THR B 17 -23.66 3.63 17.81
C THR B 17 -22.66 3.69 18.98
N THR B 18 -21.35 3.47 18.70
CA THR B 18 -20.32 3.54 19.74
C THR B 18 -20.17 4.96 20.24
N ALA B 19 -20.43 5.98 19.38
CA ALA B 19 -20.39 7.37 19.80
C ALA B 19 -21.41 7.57 20.89
N LYS B 20 -22.67 7.09 20.68
CA LYS B 20 -23.77 7.14 21.66
C LYS B 20 -23.42 6.31 22.91
N LEU B 21 -22.88 5.08 22.71
CA LEU B 21 -22.50 4.13 23.75
C LEU B 21 -21.43 4.66 24.69
N ILE B 22 -20.44 5.41 24.14
CA ILE B 22 -19.38 6.01 24.95
C ILE B 22 -19.97 7.04 25.90
N TYR B 23 -20.99 7.81 25.43
CA TYR B 23 -21.74 8.81 26.19
C TYR B 23 -22.39 8.20 27.47
N SER B 24 -22.71 6.88 27.44
CA SER B 24 -23.33 6.16 28.56
C SER B 24 -22.41 6.03 29.79
N LYS B 25 -21.12 5.72 29.59
CA LYS B 25 -20.16 5.59 30.69
C LYS B 25 -19.54 6.92 31.16
N VAL B 26 -19.93 8.07 30.55
CA VAL B 26 -19.42 9.41 30.89
C VAL B 26 -19.84 9.93 32.31
N ARG B 27 -20.93 10.73 32.42
CA ARG B 27 -21.42 11.26 33.70
C ARG B 27 -21.97 10.17 34.59
N THR B 28 -22.60 9.15 33.97
CA THR B 28 -23.23 8.00 34.65
C THR B 28 -22.23 7.11 35.38
N TYR B 29 -20.91 7.31 35.15
CA TYR B 29 -19.84 6.55 35.80
C TYR B 29 -18.80 7.46 36.46
N ASN B 30 -18.85 8.78 36.16
CA ASN B 30 -17.98 9.87 36.64
C ASN B 30 -16.67 9.94 35.84
N LEU B 31 -16.80 10.18 34.52
CA LEU B 31 -15.69 10.31 33.57
C LEU B 31 -15.74 11.68 32.83
N PRO B 32 -14.71 12.55 32.99
CA PRO B 32 -14.80 13.91 32.41
C PRO B 32 -14.64 14.15 30.90
N ILE B 33 -15.44 13.45 30.05
CA ILE B 33 -15.46 13.66 28.59
C ILE B 33 -16.30 14.92 28.33
N TYR B 34 -15.75 15.87 27.57
CA TYR B 34 -16.41 17.13 27.26
C TYR B 34 -17.42 16.97 26.11
N ALA B 35 -16.97 16.35 24.99
CA ALA B 35 -17.77 16.11 23.78
C ALA B 35 -17.24 14.92 22.94
N ILE B 36 -17.95 14.61 21.83
CA ILE B 36 -17.65 13.51 20.91
C ILE B 36 -18.06 13.90 19.46
N LEU B 37 -17.24 13.56 18.44
CA LEU B 37 -17.60 13.82 17.06
C LEU B 37 -17.63 12.59 16.15
N ALA B 38 -18.83 12.28 15.61
CA ALA B 38 -19.12 11.16 14.71
C ALA B 38 -19.52 11.66 13.31
N PRO B 39 -18.55 12.11 12.46
CA PRO B 39 -18.93 12.59 11.13
C PRO B 39 -19.13 11.46 10.13
N SER B 40 -20.17 11.60 9.29
CA SER B 40 -20.58 10.61 8.28
C SER B 40 -19.54 10.37 7.18
N ARG B 41 -18.71 11.39 6.87
CA ARG B 41 -17.67 11.28 5.85
C ARG B 41 -16.39 10.59 6.38
N VAL B 42 -16.32 10.40 7.74
CA VAL B 42 -15.23 9.73 8.44
C VAL B 42 -15.57 8.25 8.58
N LYS B 43 -14.62 7.41 8.19
CA LYS B 43 -14.81 5.97 8.16
C LYS B 43 -14.03 5.18 9.24
N GLY B 44 -14.77 4.69 10.24
CA GLY B 44 -14.27 3.87 11.34
C GLY B 44 -13.57 4.56 12.50
N TYR B 45 -13.71 5.90 12.63
CA TYR B 45 -13.05 6.67 13.70
C TYR B 45 -13.98 7.69 14.38
N ILE B 46 -13.73 7.94 15.68
CA ILE B 46 -14.52 8.84 16.52
C ILE B 46 -13.63 9.81 17.31
N PHE B 47 -14.04 11.07 17.36
CA PHE B 47 -13.28 12.08 18.09
C PHE B 47 -13.88 12.25 19.45
N VAL B 48 -13.04 12.36 20.47
CA VAL B 48 -13.52 12.51 21.82
C VAL B 48 -12.83 13.70 22.45
N GLU B 49 -13.61 14.69 22.88
CA GLU B 49 -13.07 15.87 23.54
C GLU B 49 -12.96 15.56 25.04
N ALA B 50 -11.72 15.43 25.51
CA ALA B 50 -11.37 15.07 26.89
C ALA B 50 -10.14 15.86 27.37
N PRO B 51 -9.94 16.05 28.70
CA PRO B 51 -8.75 16.80 29.13
C PRO B 51 -7.50 15.93 29.27
N ASN B 52 -7.62 14.79 29.98
CA ASN B 52 -6.55 13.83 30.25
C ASN B 52 -6.67 12.61 29.33
N LYS B 53 -5.54 11.91 29.11
CA LYS B 53 -5.52 10.70 28.28
C LYS B 53 -6.23 9.53 29.01
N GLY B 54 -6.20 9.56 30.34
CA GLY B 54 -6.84 8.57 31.20
C GLY B 54 -8.34 8.53 30.98
N VAL B 55 -8.95 9.73 30.82
CA VAL B 55 -10.38 9.98 30.57
C VAL B 55 -10.89 9.15 29.37
N VAL B 56 -10.16 9.23 28.24
CA VAL B 56 -10.48 8.50 27.01
C VAL B 56 -10.34 7.00 27.19
N ASP B 57 -9.15 6.57 27.67
CA ASP B 57 -8.85 5.17 27.96
C ASP B 57 -9.90 4.54 28.87
N GLU B 58 -10.36 5.28 29.90
CA GLU B 58 -11.38 4.82 30.84
C GLU B 58 -12.75 4.68 30.19
N ALA B 59 -13.13 5.64 29.30
CA ALA B 59 -14.43 5.64 28.61
C ALA B 59 -14.63 4.41 27.69
N ILE B 60 -13.79 4.29 26.64
CA ILE B 60 -13.77 3.22 25.62
C ILE B 60 -13.62 1.79 26.20
N ARG B 61 -12.87 1.66 27.32
CA ARG B 61 -12.63 0.38 28.00
C ARG B 61 -13.97 -0.28 28.30
N GLY B 62 -14.11 -1.52 27.85
CA GLY B 62 -15.33 -2.31 28.01
C GLY B 62 -16.44 -1.95 27.04
N ILE B 63 -16.11 -1.15 25.99
CA ILE B 63 -17.10 -0.76 24.97
C ILE B 63 -16.96 -1.53 23.67
N ARG B 64 -17.98 -2.35 23.39
CA ARG B 64 -18.11 -3.23 22.23
C ARG B 64 -18.05 -2.45 20.95
N HIS B 65 -17.38 -3.04 19.96
CA HIS B 65 -17.17 -2.48 18.63
C HIS B 65 -16.42 -1.11 18.52
N ALA B 66 -15.65 -0.76 19.59
CA ALA B 66 -14.82 0.44 19.73
C ALA B 66 -13.35 0.00 19.95
N ARG B 67 -12.75 -0.59 18.88
CA ARG B 67 -11.41 -1.20 18.79
C ARG B 67 -10.24 -0.57 19.56
N GLY B 68 -9.87 0.67 19.25
CA GLY B 68 -8.76 1.33 19.92
C GLY B 68 -8.89 2.81 20.23
N VAL B 69 -7.74 3.45 20.49
CA VAL B 69 -7.55 4.88 20.73
C VAL B 69 -6.19 5.28 20.15
N LEU B 70 -6.19 6.31 19.31
CA LEU B 70 -5.01 6.74 18.57
C LEU B 70 -3.84 7.32 19.34
N PRO B 71 -2.59 6.89 19.02
CA PRO B 71 -1.41 7.48 19.68
C PRO B 71 -1.14 8.90 19.18
N GLY B 72 -1.52 9.87 20.03
CA GLY B 72 -1.41 11.30 19.80
C GLY B 72 -2.73 12.01 20.09
N GLU B 73 -2.79 13.30 19.76
CA GLU B 73 -3.98 14.12 19.94
C GLU B 73 -4.24 14.95 18.67
N VAL B 74 -5.52 15.09 18.29
CA VAL B 74 -5.92 15.83 17.08
C VAL B 74 -6.10 17.31 17.39
N PRO B 75 -5.36 18.20 16.66
CA PRO B 75 -5.51 19.64 16.91
C PRO B 75 -6.89 20.12 16.45
N PHE B 76 -7.52 20.97 17.27
CA PHE B 76 -8.84 21.56 17.02
C PHE B 76 -9.08 22.09 15.59
N LYS B 77 -8.06 22.75 14.97
CA LYS B 77 -8.10 23.30 13.61
C LYS B 77 -8.41 22.26 12.53
N GLU B 78 -7.84 21.05 12.71
CA GLU B 78 -8.04 19.91 11.82
C GLU B 78 -9.45 19.36 11.94
N ILE B 79 -10.16 19.68 13.04
CA ILE B 79 -11.50 19.17 13.30
C ILE B 79 -12.68 20.05 12.91
N GLU B 80 -12.47 21.39 12.85
CA GLU B 80 -13.48 22.40 12.50
C GLU B 80 -14.23 22.09 11.20
N HIS B 81 -13.49 21.61 10.16
CA HIS B 81 -13.98 21.24 8.82
C HIS B 81 -15.33 20.48 8.79
N PHE B 82 -15.41 19.33 9.50
CA PHE B 82 -16.61 18.50 9.57
C PHE B 82 -17.73 19.23 10.27
N LEU B 83 -17.43 19.82 11.43
CA LEU B 83 -18.31 20.60 12.28
C LEU B 83 -18.95 21.78 11.53
N GLU B 84 -18.21 22.37 10.57
CA GLU B 84 -18.61 23.54 9.76
C GLU B 84 -19.82 23.35 8.85
N GLU B 85 -19.67 22.48 7.81
CA GLU B 85 -20.64 22.15 6.75
C GLU B 85 -22.13 22.30 7.08
N GLU C 3 -34.67 8.29 13.53
CA GLU C 3 -33.99 9.51 13.97
C GLU C 3 -34.19 10.67 13.00
N LYS C 4 -34.81 11.76 13.49
CA LYS C 4 -35.08 12.95 12.69
C LYS C 4 -34.40 14.16 13.32
N ALA C 5 -33.68 14.95 12.51
CA ALA C 5 -33.00 16.16 12.98
C ALA C 5 -33.72 17.46 12.57
N CYS C 6 -33.93 18.39 13.54
CA CYS C 6 -34.61 19.69 13.39
C CYS C 6 -33.97 20.58 12.31
N ARG C 7 -34.78 21.41 11.61
CA ARG C 7 -34.32 22.27 10.53
C ARG C 7 -33.80 23.67 10.92
N HIS C 8 -33.79 23.98 12.24
CA HIS C 8 -33.31 25.27 12.76
C HIS C 8 -32.11 25.10 13.71
N CYS C 9 -32.34 24.50 14.89
CA CYS C 9 -31.31 24.29 15.91
C CYS C 9 -30.42 23.08 15.64
N HIS C 10 -30.90 22.11 14.81
CA HIS C 10 -30.24 20.86 14.37
C HIS C 10 -30.41 19.62 15.29
N TYR C 11 -31.04 19.79 16.48
CA TYR C 11 -31.25 18.72 17.49
C TYR C 11 -31.99 17.47 16.99
N ILE C 12 -31.24 16.33 16.88
CA ILE C 12 -31.77 15.03 16.46
C ILE C 12 -32.60 14.43 17.58
N THR C 13 -33.88 14.16 17.29
CA THR C 13 -34.85 13.63 18.26
C THR C 13 -35.74 12.55 17.65
N SER C 14 -36.29 11.68 18.52
CA SER C 14 -37.20 10.58 18.17
C SER C 14 -38.66 11.02 18.20
N GLU C 15 -38.95 12.10 18.97
CA GLU C 15 -40.27 12.69 19.17
C GLU C 15 -40.89 13.27 17.88
N ASP C 16 -42.09 13.86 18.00
CA ASP C 16 -42.81 14.53 16.93
C ASP C 16 -42.41 16.01 16.86
N ARG C 17 -41.68 16.48 17.91
CA ARG C 17 -41.15 17.83 18.06
C ARG C 17 -39.76 17.84 18.73
N CYS C 18 -38.90 18.80 18.34
CA CYS C 18 -37.58 18.99 18.93
C CYS C 18 -37.79 19.54 20.36
N PRO C 19 -37.38 18.82 21.44
CA PRO C 19 -37.67 19.32 22.80
C PRO C 19 -37.03 20.66 23.21
N VAL C 20 -35.75 20.89 22.79
CA VAL C 20 -34.96 22.09 23.09
C VAL C 20 -35.68 23.40 22.72
N CYS C 21 -36.22 23.49 21.48
CA CYS C 21 -36.97 24.66 20.99
C CYS C 21 -38.47 24.38 20.87
N GLY C 22 -38.83 23.27 20.22
CA GLY C 22 -40.21 22.85 20.04
C GLY C 22 -40.74 22.90 18.62
N SER C 23 -39.84 22.86 17.62
CA SER C 23 -40.24 22.90 16.20
C SER C 23 -40.71 21.54 15.68
N ARG C 24 -41.80 21.55 14.88
CA ARG C 24 -42.42 20.36 14.28
C ARG C 24 -41.70 19.92 12.99
N ASP C 25 -40.78 20.77 12.47
CA ASP C 25 -39.98 20.54 11.25
C ASP C 25 -38.79 19.62 11.51
N LEU C 26 -39.00 18.30 11.29
CA LEU C 26 -38.01 17.27 11.51
C LEU C 26 -37.70 16.49 10.24
N SER C 27 -36.42 16.55 9.78
CA SER C 27 -35.91 15.91 8.57
C SER C 27 -35.24 14.56 8.84
N GLU C 28 -35.42 13.62 7.91
CA GLU C 28 -34.88 12.26 7.98
C GLU C 28 -33.45 12.15 7.40
N GLU C 29 -33.19 12.81 6.25
CA GLU C 29 -31.88 12.79 5.57
C GLU C 29 -30.87 13.78 6.19
N TRP C 30 -30.38 13.44 7.40
CA TRP C 30 -29.38 14.26 8.13
C TRP C 30 -28.00 13.57 8.12
N PHE C 31 -26.92 14.32 8.47
CA PHE C 31 -25.53 13.85 8.47
C PHE C 31 -24.65 14.47 9.56
N ASP C 32 -23.49 13.84 9.82
CA ASP C 32 -22.42 14.22 10.76
C ASP C 32 -22.88 14.44 12.22
N LEU C 33 -22.92 13.35 13.00
CA LEU C 33 -23.36 13.38 14.39
C LEU C 33 -22.35 14.08 15.31
N VAL C 34 -22.86 14.95 16.20
CA VAL C 34 -22.08 15.63 17.23
C VAL C 34 -22.74 15.36 18.57
N ILE C 35 -21.97 14.84 19.52
CA ILE C 35 -22.46 14.53 20.87
C ILE C 35 -21.85 15.51 21.89
N ILE C 36 -22.71 16.10 22.74
CA ILE C 36 -22.30 17.07 23.76
C ILE C 36 -22.62 16.56 25.17
N VAL C 37 -21.61 16.60 26.05
CA VAL C 37 -21.75 16.25 27.46
C VAL C 37 -21.77 17.56 28.25
N ASP C 38 -20.71 18.36 28.10
CA ASP C 38 -20.54 19.66 28.77
C ASP C 38 -20.59 20.75 27.70
N VAL C 39 -21.18 21.92 28.01
CA VAL C 39 -21.25 23.05 27.08
C VAL C 39 -20.11 24.05 27.38
N GLU C 40 -19.97 24.40 28.67
CA GLU C 40 -19.00 25.36 29.20
C GLU C 40 -17.52 25.00 28.95
N ASN C 41 -17.17 23.71 29.05
CA ASN C 41 -15.80 23.21 28.87
C ASN C 41 -15.46 22.73 27.46
N SER C 42 -16.43 22.13 26.75
CA SER C 42 -16.21 21.59 25.40
C SER C 42 -15.97 22.64 24.35
N GLU C 43 -14.91 22.46 23.56
CA GLU C 43 -14.54 23.35 22.49
C GLU C 43 -15.54 23.21 21.34
N ILE C 44 -16.02 21.97 21.10
CA ILE C 44 -16.97 21.61 20.03
C ILE C 44 -18.25 22.47 20.04
N ALA C 45 -18.88 22.64 21.21
CA ALA C 45 -20.10 23.44 21.37
C ALA C 45 -19.92 24.90 20.98
N LYS C 46 -18.73 25.47 21.27
CA LYS C 46 -18.38 26.87 20.97
C LYS C 46 -18.40 27.16 19.46
N LYS C 47 -17.66 26.37 18.66
CA LYS C 47 -17.58 26.50 17.20
C LYS C 47 -18.94 26.47 16.51
N ILE C 48 -19.83 25.55 16.95
CA ILE C 48 -21.18 25.40 16.41
C ILE C 48 -22.17 26.41 16.94
N GLY C 49 -22.21 26.57 18.25
CA GLY C 49 -23.13 27.50 18.92
C GLY C 49 -24.33 26.79 19.50
N ALA C 50 -24.07 25.71 20.27
CA ALA C 50 -25.09 24.91 20.96
C ALA C 50 -24.93 25.11 22.48
N LYS C 51 -26.03 25.45 23.17
CA LYS C 51 -26.03 25.75 24.60
C LYS C 51 -26.68 24.66 25.48
N VAL C 52 -27.24 23.60 24.85
CA VAL C 52 -27.90 22.48 25.54
C VAL C 52 -27.20 21.14 25.24
N PRO C 53 -26.74 20.38 26.28
CA PRO C 53 -26.09 19.08 26.01
C PRO C 53 -27.02 18.03 25.37
N GLY C 54 -26.45 17.25 24.44
CA GLY C 54 -27.17 16.20 23.73
C GLY C 54 -26.90 16.15 22.24
N LYS C 55 -27.72 15.33 21.53
CA LYS C 55 -27.64 15.05 20.09
C LYS C 55 -27.90 16.22 19.13
N TYR C 56 -26.83 16.76 18.51
CA TYR C 56 -26.93 17.83 17.50
C TYR C 56 -26.42 17.32 16.14
N ALA C 57 -26.83 17.98 15.02
CA ALA C 57 -26.43 17.59 13.65
C ALA C 57 -25.77 18.70 12.83
N ILE C 58 -25.15 18.34 11.68
CA ILE C 58 -24.44 19.26 10.79
C ILE C 58 -25.17 19.47 9.45
N ARG C 59 -25.13 18.47 8.55
CA ARG C 59 -25.80 18.54 7.25
C ARG C 59 -27.20 17.92 7.42
N VAL C 60 -28.28 18.70 7.13
CA VAL C 60 -29.68 18.27 7.29
C VAL C 60 -30.35 18.07 5.92
#